data_6WPZ
#
_entry.id   6WPZ
#
_cell.length_a   36.444
_cell.length_b   45.128
_cell.length_c   168.980
_cell.angle_alpha   90.00
_cell.angle_beta   90.00
_cell.angle_gamma   90.00
#
_symmetry.space_group_name_H-M   'C 2 2 21'
#
loop_
_entity.id
_entity.type
_entity.pdbx_description
1 polymer Pf4r
2 non-polymer 'CHLORIDE ION'
3 water water
#
_entity_poly.entity_id   1
_entity_poly.type   'polypeptide(L)'
_entity_poly.pdbx_seq_one_letter_code
;MSTPADRARLLIKKIGPKKVSLHGGDYERWKSVSKGAIRVSTEEIDVLVKIFPNYALWIASGSIAPEVGQTSPDYDEANL
NLSNQNAGAHHHHHH
;
_entity_poly.pdbx_strand_id   A,B
#
loop_
_chem_comp.id
_chem_comp.type
_chem_comp.name
_chem_comp.formula
CL non-polymer 'CHLORIDE ION' 'Cl -1'
#
# COMPACT_ATOMS: atom_id res chain seq x y z
N SER A 2 21.26 -2.76 0.97
CA SER A 2 20.24 -3.06 2.02
C SER A 2 20.65 -4.30 2.81
N THR A 3 20.17 -4.38 4.06
CA THR A 3 20.48 -5.51 4.93
C THR A 3 19.19 -6.23 5.29
N PRO A 4 19.27 -7.41 5.89
CA PRO A 4 18.05 -8.06 6.38
C PRO A 4 17.27 -7.17 7.34
N ALA A 5 17.95 -6.36 8.15
CA ALA A 5 17.25 -5.48 9.07
C ALA A 5 16.49 -4.39 8.34
N ASP A 6 17.13 -3.77 7.34
CA ASP A 6 16.44 -2.75 6.56
C ASP A 6 15.18 -3.31 5.91
N ARG A 7 15.25 -4.50 5.33
CA ARG A 7 14.10 -5.05 4.63
C ARG A 7 13.02 -5.49 5.61
N ALA A 8 13.43 -6.05 6.76
CA ALA A 8 12.47 -6.36 7.81
C ALA A 8 11.80 -5.09 8.32
N ARG A 9 12.59 -4.05 8.57
CA ARG A 9 12.05 -2.79 9.07
C ARG A 9 11.03 -2.20 8.09
N LEU A 10 11.29 -2.31 6.79
CA LEU A 10 10.33 -1.82 5.81
C LEU A 10 9.00 -2.52 5.95
N LEU A 11 9.02 -3.85 6.08
CA LEU A 11 7.79 -4.62 6.29
C LEU A 11 7.16 -4.26 7.63
N ILE A 12 7.97 -4.15 8.68
CA ILE A 12 7.46 -3.87 10.01
C ILE A 12 6.68 -2.56 10.02
N LYS A 13 7.18 -1.54 9.34
CA LYS A 13 6.48 -0.26 9.27
C LYS A 13 5.10 -0.43 8.65
N LYS A 14 4.93 -1.44 7.82
CA LYS A 14 3.68 -1.67 7.10
C LYS A 14 2.64 -2.40 7.95
N ILE A 15 3.08 -3.23 8.90
CA ILE A 15 2.18 -4.04 9.71
C ILE A 15 1.77 -3.32 10.98
N GLY A 16 0.52 -3.55 11.39
CA GLY A 16 -0.02 -3.01 12.62
C GLY A 16 -0.20 -4.09 13.67
N PRO A 17 -0.79 -3.71 14.81
CA PRO A 17 -0.91 -4.67 15.93
C PRO A 17 -1.69 -5.94 15.61
N LYS A 18 -2.69 -5.89 14.72
CA LYS A 18 -3.52 -7.06 14.49
C LYS A 18 -2.70 -8.23 13.93
N LYS A 19 -2.01 -8.00 12.81
CA LYS A 19 -1.25 -9.08 12.18
C LYS A 19 -0.08 -9.53 13.06
N VAL A 20 0.60 -8.58 13.71
CA VAL A 20 1.66 -8.94 14.64
C VAL A 20 1.15 -9.88 15.71
N SER A 21 0.06 -9.51 16.38
CA SER A 21 -0.41 -10.32 17.49
C SER A 21 -0.98 -11.65 17.02
N LEU A 22 -1.55 -11.69 15.82
CA LEU A 22 -2.03 -12.97 15.31
C LEU A 22 -0.91 -13.95 15.02
N HIS A 23 0.30 -13.45 14.76
CA HIS A 23 1.45 -14.28 14.48
C HIS A 23 2.47 -14.32 15.61
N GLY A 24 2.08 -13.88 16.80
CA GLY A 24 2.86 -14.12 17.99
C GLY A 24 3.92 -13.11 18.34
N GLY A 25 3.88 -11.89 17.77
CA GLY A 25 4.88 -10.90 18.11
C GLY A 25 4.41 -9.96 19.21
N ASP A 26 5.36 -9.17 19.71
CA ASP A 26 5.10 -8.18 20.75
C ASP A 26 5.08 -6.81 20.10
N TYR A 27 3.92 -6.15 20.12
CA TYR A 27 3.78 -4.93 19.34
C TYR A 27 4.62 -3.79 19.92
N GLU A 28 4.68 -3.68 21.25
CA GLU A 28 5.42 -2.56 21.85
C GLU A 28 6.87 -2.57 21.37
N ARG A 29 7.47 -3.75 21.25
CA ARG A 29 8.80 -3.84 20.64
C ARG A 29 8.73 -3.53 19.15
N TRP A 30 7.75 -4.10 18.46
CA TRP A 30 7.52 -3.85 17.04
C TRP A 30 7.41 -2.36 16.75
N LYS A 31 6.62 -1.65 17.55
CA LYS A 31 6.39 -0.22 17.34
C LYS A 31 7.70 0.56 17.38
N SER A 32 8.55 0.29 18.37
CA SER A 32 9.79 1.04 18.49
C SER A 32 10.82 0.61 17.44
N VAL A 33 10.81 -0.68 17.07
CA VAL A 33 11.69 -1.13 16.00
C VAL A 33 11.39 -0.36 14.71
N SER A 34 10.11 -0.15 14.42
CA SER A 34 9.71 0.57 13.22
C SER A 34 10.30 1.97 13.21
N ARG A 39 16.60 -1.92 17.70
CA ARG A 39 16.94 -2.49 16.36
C ARG A 39 16.18 -3.79 16.12
N VAL A 40 16.19 -4.28 14.87
CA VAL A 40 15.46 -5.51 14.47
C VAL A 40 16.10 -6.72 15.15
N SER A 41 15.30 -7.67 15.64
CA SER A 41 15.71 -8.93 16.31
C SER A 41 15.34 -10.10 15.40
N THR A 42 15.79 -11.31 15.72
CA THR A 42 15.50 -12.56 14.98
C THR A 42 14.03 -12.91 15.14
N GLU A 43 13.48 -12.60 16.31
CA GLU A 43 12.06 -12.77 16.72
C GLU A 43 11.18 -12.12 15.64
N GLU A 44 11.44 -10.86 15.31
CA GLU A 44 10.73 -10.05 14.30
C GLU A 44 10.80 -10.76 12.95
N ILE A 45 11.95 -11.30 12.58
CA ILE A 45 12.06 -12.08 11.31
C ILE A 45 11.09 -13.26 11.38
N ASP A 46 11.04 -13.97 12.49
CA ASP A 46 10.14 -15.14 12.60
C ASP A 46 8.69 -14.70 12.37
N VAL A 47 8.27 -13.62 13.01
CA VAL A 47 6.90 -13.15 12.88
C VAL A 47 6.63 -12.69 11.45
N LEU A 48 7.58 -11.96 10.86
CA LEU A 48 7.42 -11.50 9.49
C LEU A 48 7.26 -12.65 8.51
N VAL A 49 8.06 -13.70 8.68
CA VAL A 49 7.94 -14.88 7.83
C VAL A 49 6.59 -15.55 8.05
N LYS A 50 6.10 -15.53 9.29
CA LYS A 50 4.76 -16.06 9.56
C LYS A 50 3.69 -15.22 8.89
N ILE A 51 3.84 -13.89 8.90
CA ILE A 51 2.85 -13.03 8.26
C ILE A 51 2.97 -13.11 6.74
N PHE A 52 4.20 -13.12 6.24
CA PHE A 52 4.47 -13.09 4.81
C PHE A 52 5.43 -14.23 4.45
N PRO A 53 4.94 -15.48 4.45
CA PRO A 53 5.84 -16.58 4.08
C PRO A 53 6.47 -16.37 2.71
N ASN A 54 5.79 -15.64 1.82
CA ASN A 54 6.31 -15.34 0.50
C ASN A 54 7.45 -14.33 0.51
N TYR A 55 7.75 -13.70 1.65
CA TYR A 55 8.82 -12.73 1.73
C TYR A 55 10.07 -13.25 2.43
N ALA A 56 10.15 -14.56 2.70
CA ALA A 56 11.26 -15.10 3.46
C ALA A 56 12.58 -14.88 2.74
N LEU A 57 12.67 -15.30 1.47
CA LEU A 57 13.90 -15.14 0.72
C LEU A 57 14.29 -13.67 0.60
N TRP A 58 13.31 -12.80 0.33
CA TRP A 58 13.62 -11.39 0.13
C TRP A 58 14.15 -10.75 1.41
N ILE A 59 13.51 -11.01 2.55
CA ILE A 59 14.01 -10.47 3.81
C ILE A 59 15.47 -10.88 4.00
N ALA A 60 15.76 -12.16 3.82
CA ALA A 60 17.08 -12.68 4.17
C ALA A 60 18.16 -12.20 3.20
N SER A 61 17.82 -12.08 1.92
CA SER A 61 18.84 -11.86 0.89
C SER A 61 18.61 -10.64 0.01
N GLY A 62 17.39 -10.11 -0.07
CA GLY A 62 17.10 -9.09 -1.04
C GLY A 62 16.74 -9.61 -2.41
N SER A 63 16.86 -10.92 -2.63
CA SER A 63 16.47 -11.54 -3.88
C SER A 63 15.03 -12.06 -3.79
N ILE A 64 14.41 -12.23 -4.97
CA ILE A 64 13.11 -12.87 -5.07
C ILE A 64 13.25 -14.13 -5.92
N ALA A 65 12.23 -14.97 -5.86
CA ALA A 65 12.15 -16.17 -6.71
C ALA A 65 10.69 -16.52 -6.91
N PRO A 66 9.95 -15.71 -7.68
CA PRO A 66 8.52 -15.98 -7.86
C PRO A 66 8.25 -17.36 -8.40
N GLU A 67 9.22 -17.98 -9.08
CA GLU A 67 9.09 -19.35 -9.55
C GLU A 67 8.60 -20.28 -8.44
N VAL A 68 8.98 -20.02 -7.20
CA VAL A 68 8.63 -20.87 -6.07
C VAL A 68 7.79 -20.12 -5.04
N GLY A 69 7.15 -19.02 -5.44
CA GLY A 69 6.27 -18.29 -4.55
C GLY A 69 6.96 -17.29 -3.65
N GLN A 70 8.23 -17.00 -3.90
CA GLN A 70 8.99 -16.04 -3.09
C GLN A 70 9.05 -14.72 -3.83
N THR A 71 8.41 -13.70 -3.27
CA THR A 71 8.32 -12.40 -3.91
C THR A 71 8.77 -11.29 -2.95
N SER A 72 8.26 -10.09 -3.15
CA SER A 72 8.63 -8.91 -2.39
C SER A 72 7.40 -8.02 -2.28
N PRO A 73 7.40 -7.06 -1.35
CA PRO A 73 6.26 -6.12 -1.30
C PRO A 73 6.11 -5.33 -2.59
N ASP A 74 7.22 -4.84 -3.14
CA ASP A 74 7.15 -4.07 -4.38
C ASP A 74 6.76 -4.95 -5.55
N TYR A 75 7.28 -6.18 -5.60
CA TYR A 75 6.88 -7.10 -6.66
C TYR A 75 5.38 -7.36 -6.61
N ASP A 76 4.85 -7.67 -5.43
CA ASP A 76 3.43 -7.97 -5.30
C ASP A 76 2.57 -6.78 -5.74
N GLU A 77 2.95 -5.58 -5.32
CA GLU A 77 2.21 -4.40 -5.73
C GLU A 77 2.32 -4.20 -7.23
N ALA A 78 3.54 -4.32 -7.78
CA ALA A 78 3.75 -4.16 -9.20
C ALA A 78 3.00 -5.23 -9.99
N ASN A 79 2.75 -6.38 -9.40
CA ASN A 79 2.13 -7.49 -10.11
C ASN A 79 0.63 -7.53 -9.95
N LEU A 80 0.03 -6.50 -9.36
CA LEU A 80 -1.41 -6.48 -9.13
C LEU A 80 -2.19 -6.30 -10.43
N ASN A 81 -1.93 -5.20 -11.14
CA ASN A 81 -2.68 -4.84 -12.34
C ASN A 81 -2.11 -5.46 -13.61
N LEU A 82 -1.16 -6.37 -13.49
CA LEU A 82 -0.51 -6.94 -14.66
C LEU A 82 -1.31 -8.09 -15.23
N SER B 2 -10.48 20.76 -1.97
CA SER B 2 -11.93 20.74 -2.33
C SER B 2 -12.16 20.43 -3.81
N THR B 3 -11.08 20.24 -4.58
CA THR B 3 -11.21 19.89 -5.99
C THR B 3 -10.54 18.56 -6.33
N PRO B 4 -10.80 18.01 -7.52
CA PRO B 4 -10.10 16.78 -7.93
C PRO B 4 -8.59 16.88 -7.90
N ALA B 5 -8.03 18.05 -8.23
CA ALA B 5 -6.58 18.20 -8.21
C ALA B 5 -6.03 18.12 -6.80
N ASP B 6 -6.70 18.78 -5.85
CA ASP B 6 -6.29 18.67 -4.45
C ASP B 6 -6.28 17.21 -4.00
N ARG B 7 -7.33 16.47 -4.36
CA ARG B 7 -7.46 15.09 -3.91
C ARG B 7 -6.48 14.17 -4.62
N ALA B 8 -6.19 14.46 -5.89
CA ALA B 8 -5.16 13.69 -6.60
C ALA B 8 -3.82 13.83 -5.90
N ARG B 9 -3.45 15.07 -5.55
CA ARG B 9 -2.19 15.29 -4.84
C ARG B 9 -2.19 14.59 -3.49
N LEU B 10 -3.32 14.63 -2.77
CA LEU B 10 -3.45 13.93 -1.50
C LEU B 10 -3.28 12.43 -1.69
N LEU B 11 -3.90 11.86 -2.73
CA LEU B 11 -3.79 10.43 -2.99
C LEU B 11 -2.34 10.04 -3.22
N ILE B 12 -1.64 10.76 -4.10
CA ILE B 12 -0.26 10.40 -4.40
C ILE B 12 0.60 10.52 -3.14
N LYS B 13 0.43 11.61 -2.39
CA LYS B 13 1.22 11.79 -1.18
C LYS B 13 0.92 10.72 -0.15
N LYS B 14 -0.34 10.29 -0.04
CA LYS B 14 -0.67 9.33 1.00
C LYS B 14 -0.34 7.90 0.58
N ILE B 15 -0.51 7.59 -0.70
CA ILE B 15 -0.22 6.24 -1.18
C ILE B 15 1.27 6.14 -1.44
N GLY B 16 1.88 7.23 -1.91
CA GLY B 16 3.30 7.30 -2.16
C GLY B 16 3.59 7.20 -3.63
N PRO B 17 4.40 8.11 -4.17
CA PRO B 17 4.64 8.09 -5.62
C PRO B 17 5.23 6.77 -6.10
N LYS B 18 6.05 6.10 -5.28
CA LYS B 18 6.60 4.81 -5.67
C LYS B 18 5.49 3.78 -5.85
N LYS B 19 4.60 3.68 -4.87
CA LYS B 19 3.53 2.68 -4.91
C LYS B 19 2.60 2.94 -6.08
N VAL B 20 2.25 4.21 -6.31
CA VAL B 20 1.48 4.57 -7.50
C VAL B 20 2.19 4.08 -8.76
N SER B 21 3.49 4.37 -8.87
CA SER B 21 4.25 4.04 -10.07
C SER B 21 4.42 2.53 -10.24
N LEU B 22 4.33 1.75 -9.15
CA LEU B 22 4.37 0.31 -9.27
C LEU B 22 3.17 -0.21 -10.06
N HIS B 23 2.10 0.60 -10.16
CA HIS B 23 0.94 0.23 -10.93
C HIS B 23 1.02 0.78 -12.36
N GLY B 24 1.31 2.07 -12.49
CA GLY B 24 1.56 2.65 -13.80
C GLY B 24 2.01 4.07 -13.67
N GLY B 25 2.36 4.64 -14.82
CA GLY B 25 2.81 6.02 -14.82
C GLY B 25 4.31 6.14 -14.61
N ASP B 26 4.76 7.39 -14.62
CA ASP B 26 6.17 7.73 -14.47
C ASP B 26 6.42 8.19 -13.04
N TYR B 27 7.35 7.52 -12.35
CA TYR B 27 7.50 7.75 -10.93
C TYR B 27 7.96 9.17 -10.63
N GLU B 28 8.97 9.65 -11.37
CA GLU B 28 9.47 11.00 -11.12
C GLU B 28 8.37 12.03 -11.38
N ARG B 29 7.53 11.78 -12.38
CA ARG B 29 6.38 12.64 -12.63
C ARG B 29 5.37 12.57 -11.49
N TRP B 30 5.05 11.36 -11.02
CA TRP B 30 4.19 11.24 -9.85
C TRP B 30 4.79 12.00 -8.67
N LYS B 31 6.09 11.81 -8.42
CA LYS B 31 6.73 12.49 -7.30
C LYS B 31 6.63 14.00 -7.45
N SER B 32 6.83 14.51 -8.67
CA SER B 32 6.84 15.96 -8.87
C SER B 32 5.44 16.52 -8.69
N VAL B 33 4.41 15.80 -9.12
CA VAL B 33 3.04 16.23 -8.87
C VAL B 33 2.77 16.24 -7.36
N SER B 34 3.17 15.17 -6.67
CA SER B 34 2.90 15.08 -5.24
C SER B 34 3.56 16.21 -4.46
N LYS B 35 4.73 16.67 -4.90
CA LYS B 35 5.43 17.74 -4.21
C LYS B 35 4.95 19.12 -4.61
N GLY B 36 4.06 19.23 -5.60
CA GLY B 36 3.63 20.52 -6.09
C GLY B 36 4.58 21.20 -7.05
N ALA B 37 5.61 20.49 -7.52
CA ALA B 37 6.54 21.07 -8.48
C ALA B 37 5.89 21.27 -9.85
N ILE B 38 4.89 20.45 -10.18
CA ILE B 38 4.08 20.63 -11.37
C ILE B 38 2.64 20.38 -10.98
N ARG B 39 1.72 20.94 -11.74
CA ARG B 39 0.33 20.90 -11.34
C ARG B 39 -0.31 19.57 -11.75
N VAL B 40 -1.46 19.29 -11.16
CA VAL B 40 -2.19 18.08 -11.50
C VAL B 40 -2.92 18.34 -12.82
N SER B 41 -2.67 17.51 -13.81
CA SER B 41 -3.35 17.63 -15.09
C SER B 41 -4.47 16.61 -15.16
N THR B 42 -5.27 16.71 -16.23
CA THR B 42 -6.32 15.73 -16.46
CA THR B 42 -6.32 15.73 -16.46
C THR B 42 -5.75 14.33 -16.60
N GLU B 43 -4.49 14.21 -17.03
CA GLU B 43 -3.88 12.91 -17.23
C GLU B 43 -3.58 12.22 -15.90
N GLU B 44 -3.15 12.99 -14.89
CA GLU B 44 -3.01 12.43 -13.56
C GLU B 44 -4.35 11.93 -13.02
N ILE B 45 -5.42 12.70 -13.22
CA ILE B 45 -6.76 12.27 -12.80
C ILE B 45 -7.16 11.00 -13.53
N ASP B 46 -7.01 10.99 -14.85
CA ASP B 46 -7.40 9.84 -15.63
C ASP B 46 -6.67 8.59 -15.16
N VAL B 47 -5.34 8.68 -15.05
CA VAL B 47 -4.55 7.50 -14.71
C VAL B 47 -4.82 7.04 -13.28
N LEU B 48 -4.93 7.97 -12.33
CA LEU B 48 -5.22 7.57 -10.96
C LEU B 48 -6.52 6.79 -10.90
N VAL B 49 -7.54 7.21 -11.65
CA VAL B 49 -8.79 6.45 -11.69
C VAL B 49 -8.55 5.09 -12.33
N LYS B 50 -7.68 5.04 -13.33
CA LYS B 50 -7.35 3.76 -13.96
C LYS B 50 -6.67 2.83 -12.97
N ILE B 51 -5.77 3.36 -12.15
CA ILE B 51 -5.05 2.54 -11.18
C ILE B 51 -5.95 2.17 -10.02
N PHE B 52 -6.80 3.11 -9.58
CA PHE B 52 -7.66 2.95 -8.41
C PHE B 52 -9.11 3.23 -8.79
N PRO B 53 -9.74 2.31 -9.54
CA PRO B 53 -11.14 2.54 -9.92
C PRO B 53 -12.07 2.72 -8.73
N ASN B 54 -11.71 2.15 -7.58
CA ASN B 54 -12.51 2.30 -6.37
C ASN B 54 -12.43 3.70 -5.78
N TYR B 55 -11.54 4.55 -6.30
CA TYR B 55 -11.40 5.93 -5.83
C TYR B 55 -12.00 6.94 -6.80
N ALA B 56 -12.74 6.46 -7.82
CA ALA B 56 -13.23 7.36 -8.85
C ALA B 56 -14.17 8.42 -8.29
N LEU B 57 -15.18 8.00 -7.53
CA LEU B 57 -16.13 8.97 -7.00
C LEU B 57 -15.43 9.97 -6.08
N TRP B 58 -14.53 9.49 -5.23
CA TRP B 58 -13.87 10.36 -4.26
C TRP B 58 -12.99 11.38 -4.96
N ILE B 59 -12.20 10.94 -5.95
CA ILE B 59 -11.37 11.88 -6.70
C ILE B 59 -12.25 12.99 -7.28
N ALA B 60 -13.38 12.60 -7.89
CA ALA B 60 -14.19 13.57 -8.61
C ALA B 60 -14.90 14.53 -7.68
N SER B 61 -15.39 14.04 -6.54
CA SER B 61 -16.30 14.81 -5.70
C SER B 61 -15.88 14.98 -4.26
N GLY B 62 -14.98 14.15 -3.73
CA GLY B 62 -14.68 14.14 -2.33
C GLY B 62 -15.61 13.31 -1.48
N SER B 63 -16.71 12.80 -2.05
CA SER B 63 -17.58 11.88 -1.35
C SER B 63 -17.17 10.45 -1.67
N ILE B 64 -17.56 9.55 -0.77
CA ILE B 64 -17.39 8.11 -0.98
C ILE B 64 -18.78 7.48 -1.03
N ALA B 65 -18.81 6.23 -1.50
CA ALA B 65 -20.04 5.44 -1.53
C ALA B 65 -19.68 3.97 -1.42
N PRO B 66 -19.22 3.54 -0.24
CA PRO B 66 -18.82 2.14 -0.08
C PRO B 66 -19.94 1.16 -0.42
N GLU B 67 -21.21 1.60 -0.36
CA GLU B 67 -22.31 0.75 -0.79
C GLU B 67 -22.05 0.13 -2.15
N VAL B 68 -21.38 0.86 -3.04
CA VAL B 68 -21.14 0.40 -4.40
C VAL B 68 -19.66 0.23 -4.68
N GLY B 69 -18.84 0.10 -3.64
CA GLY B 69 -17.42 -0.12 -3.80
C GLY B 69 -16.57 1.12 -3.98
N GLN B 70 -17.10 2.31 -3.76
CA GLN B 70 -16.35 3.54 -3.96
C GLN B 70 -15.86 4.03 -2.60
N THR B 71 -14.54 4.01 -2.42
CA THR B 71 -13.94 4.38 -1.16
C THR B 71 -12.87 5.45 -1.43
N SER B 72 -11.90 5.55 -0.54
CA SER B 72 -10.88 6.60 -0.63
C SER B 72 -9.63 6.09 0.07
N PRO B 73 -8.50 6.76 -0.14
CA PRO B 73 -7.30 6.37 0.63
C PRO B 73 -7.51 6.47 2.12
N ASP B 74 -8.17 7.52 2.61
CA ASP B 74 -8.41 7.67 4.03
C ASP B 74 -9.38 6.61 4.54
N TYR B 75 -10.43 6.32 3.78
CA TYR B 75 -11.41 5.32 4.19
C TYR B 75 -10.78 3.95 4.29
N ASP B 76 -10.00 3.57 3.27
CA ASP B 76 -9.37 2.24 3.26
C ASP B 76 -8.46 2.08 4.48
N GLU B 77 -7.76 3.15 4.86
CA GLU B 77 -6.91 3.12 6.04
C GLU B 77 -7.73 2.89 7.30
N ALA B 78 -8.83 3.62 7.44
CA ALA B 78 -9.68 3.45 8.61
C ALA B 78 -10.26 2.05 8.65
N ASN B 79 -10.47 1.43 7.48
CA ASN B 79 -11.09 0.12 7.37
C ASN B 79 -10.05 -0.99 7.23
N LEU B 80 -8.80 -0.73 7.61
CA LEU B 80 -7.74 -1.72 7.42
C LEU B 80 -8.07 -3.00 8.17
N ASN B 81 -7.86 -4.13 7.50
CA ASN B 81 -8.12 -5.49 7.97
C ASN B 81 -9.59 -5.82 8.12
N LEU B 82 -10.51 -4.94 7.76
CA LEU B 82 -11.92 -5.25 7.84
C LEU B 82 -12.38 -5.78 6.49
N GLY B 88 -18.01 -9.56 -1.10
CA GLY B 88 -19.44 -9.70 -1.10
C GLY B 88 -19.93 -10.93 -0.34
N ALA B 89 -19.00 -11.75 0.11
CA ALA B 89 -19.35 -12.98 0.81
C ALA B 89 -19.78 -12.70 2.24
N HIS B 90 -20.67 -13.56 2.75
CA HIS B 90 -21.05 -13.60 4.16
C HIS B 90 -21.88 -12.39 4.59
N HIS B 91 -22.44 -11.66 3.64
CA HIS B 91 -23.47 -10.68 3.93
C HIS B 91 -24.33 -10.49 2.69
N HIS B 92 -25.61 -10.23 2.91
CA HIS B 92 -26.47 -9.80 1.83
C HIS B 92 -26.21 -8.32 1.52
N HIS B 93 -26.79 -7.86 0.42
CA HIS B 93 -26.61 -6.49 -0.02
C HIS B 93 -27.93 -5.72 0.01
N HIS B 94 -28.83 -6.13 0.89
CA HIS B 94 -30.08 -5.40 1.14
C HIS B 94 -29.80 -4.40 2.26
N HIS B 95 -29.15 -3.32 1.89
CA HIS B 95 -28.71 -2.31 2.86
C HIS B 95 -29.89 -1.50 3.39
CL CL C . -4.96 20.01 -17.31
#